data_2GAU
#
_entry.id   2GAU
#
_cell.length_a   76.723
_cell.length_b   76.723
_cell.length_c   86.320
_cell.angle_alpha   90.00
_cell.angle_beta   90.00
_cell.angle_gamma   90.00
#
_symmetry.space_group_name_H-M   'P 41 21 2'
#
loop_
_entity.id
_entity.type
_entity.pdbx_description
1 polymer 'transcriptional regulator, Crp/Fnr family'
2 water water
#
_entity_poly.entity_id   1
_entity_poly.type   'polypeptide(L)'
_entity_poly.pdbx_seq_one_letter_code
;MWKTASDKGLGHLLRDVWSLLNEEERELLDKEIQPFPCKKASTVFSEGDIPNNLFYLYEGKIKILREGVYGRFHISRIVK
PGQFFGMRPYFAEETCSSTAIAVENSKVLAIPVEAIEALLKGNTSFCRYFLKALAKELGYAERRTVTLTQKHVRGRLAET
LLILKENFGFENDGATLSIYLSREELATLSNMTVSNAIRTLSTFVSERMLALDGKRIKIIDCDRLQKTARSG
;
_entity_poly.pdbx_strand_id   A
#
# COMPACT_ATOMS: atom_id res chain seq x y z
N LEU A 10 -13.56 10.63 -15.90
CA LEU A 10 -12.65 9.69 -15.17
C LEU A 10 -13.11 9.37 -13.73
N GLY A 11 -14.08 10.13 -13.23
CA GLY A 11 -14.59 9.96 -11.88
C GLY A 11 -15.16 8.58 -11.62
N HIS A 12 -15.78 7.99 -12.64
CA HIS A 12 -16.39 6.67 -12.52
C HIS A 12 -15.37 5.56 -12.22
N LEU A 13 -14.10 5.80 -12.52
CA LEU A 13 -13.04 4.81 -12.23
C LEU A 13 -12.87 4.58 -10.72
N LEU A 14 -13.26 5.58 -9.93
CA LEU A 14 -13.30 5.45 -8.48
C LEU A 14 -14.58 4.74 -8.09
N ARG A 15 -14.62 3.42 -8.32
CA ARG A 15 -15.87 2.62 -8.26
C ARG A 15 -16.70 2.77 -6.96
N ASP A 16 -16.05 2.59 -5.81
CA ASP A 16 -16.75 2.63 -4.52
C ASP A 16 -17.35 4.00 -4.25
N VAL A 17 -16.53 5.03 -4.43
CA VAL A 17 -16.89 6.42 -4.17
C VAL A 17 -17.97 6.96 -5.14
N TRP A 18 -17.80 6.66 -6.43
CA TRP A 18 -18.72 7.11 -7.47
C TRP A 18 -20.17 6.72 -7.18
N SER A 19 -20.37 5.52 -6.63
CA SER A 19 -21.71 5.04 -6.28
C SER A 19 -22.39 5.83 -5.16
N LEU A 20 -21.59 6.57 -4.38
CA LEU A 20 -22.07 7.38 -3.24
C LEU A 20 -22.49 8.79 -3.65
N LEU A 21 -22.18 9.15 -4.89
CA LEU A 21 -22.35 10.52 -5.35
C LEU A 21 -23.61 10.67 -6.17
N ASN A 22 -24.30 11.80 -6.00
CA ASN A 22 -25.46 12.12 -6.83
C ASN A 22 -24.98 12.79 -8.11
N GLU A 23 -25.91 13.29 -8.92
CA GLU A 23 -25.55 13.79 -10.25
C GLU A 23 -24.69 15.03 -10.23
N GLU A 24 -25.02 15.96 -9.33
CA GLU A 24 -24.26 17.19 -9.18
C GLU A 24 -22.84 16.93 -8.66
N GLU A 25 -22.73 15.99 -7.72
CA GLU A 25 -21.44 15.64 -7.11
C GLU A 25 -20.54 14.92 -8.11
N ARG A 26 -21.14 14.03 -8.91
CA ARG A 26 -20.45 13.33 -10.00
C ARG A 26 -19.92 14.29 -11.06
N GLU A 27 -20.70 15.31 -11.40
CA GLU A 27 -20.27 16.38 -12.33
C GLU A 27 -19.04 17.11 -11.80
N LEU A 28 -19.08 17.45 -10.51
CA LEU A 28 -17.98 18.16 -9.87
C LEU A 28 -16.72 17.30 -9.88
N LEU A 29 -16.87 16.04 -9.48
CA LEU A 29 -15.74 15.10 -9.51
C LEU A 29 -15.16 14.97 -10.92
N ASP A 30 -16.02 14.68 -11.89
CA ASP A 30 -15.57 14.58 -13.29
C ASP A 30 -14.82 15.84 -13.74
N LYS A 31 -15.30 17.01 -13.31
CA LYS A 31 -14.71 18.30 -13.67
C LYS A 31 -13.32 18.53 -13.04
N GLU A 32 -13.14 18.07 -11.80
CA GLU A 32 -11.93 18.40 -11.04
C GLU A 32 -10.83 17.33 -11.07
N ILE A 33 -11.21 16.07 -11.27
CA ILE A 33 -10.25 14.97 -11.29
C ILE A 33 -9.26 15.10 -12.46
N GLN A 34 -7.98 14.79 -12.20
CA GLN A 34 -6.90 14.86 -13.20
C GLN A 34 -6.07 13.57 -13.23
N PRO A 35 -5.74 13.07 -14.44
CA PRO A 35 -4.75 11.99 -14.56
C PRO A 35 -3.40 12.48 -14.03
N PHE A 36 -2.65 11.58 -13.40
CA PHE A 36 -1.37 11.96 -12.78
C PHE A 36 -0.26 11.01 -13.21
N PRO A 37 0.62 11.46 -14.14
CA PRO A 37 1.61 10.53 -14.75
C PRO A 37 2.46 9.90 -13.67
N CYS A 38 2.63 8.58 -13.72
CA CYS A 38 3.33 7.91 -12.64
C CYS A 38 4.25 6.72 -13.02
N LYS A 39 5.40 7.04 -13.62
CA LYS A 39 6.39 6.04 -14.04
C LYS A 39 7.05 5.39 -12.81
N LYS A 40 7.40 4.11 -12.92
CA LYS A 40 8.19 3.44 -11.89
C LYS A 40 9.32 4.34 -11.43
N ALA A 41 9.49 4.43 -10.11
CA ALA A 41 10.53 5.22 -9.46
C ALA A 41 10.26 6.73 -9.36
N SER A 42 9.19 7.22 -9.98
CA SER A 42 8.83 8.64 -9.86
C SER A 42 8.15 8.91 -8.51
N THR A 43 8.11 10.16 -8.08
CA THR A 43 7.48 10.48 -6.79
C THR A 43 6.22 11.29 -6.95
N VAL A 44 5.18 10.82 -6.27
CA VAL A 44 3.88 11.45 -6.32
C VAL A 44 3.86 12.70 -5.45
N PHE A 45 4.42 12.56 -4.25
CA PHE A 45 4.62 13.67 -3.33
C PHE A 45 5.77 13.32 -2.40
N SER A 46 6.27 14.32 -1.68
CA SER A 46 7.42 14.14 -0.81
C SER A 46 7.08 14.51 0.61
N GLU A 47 7.71 13.80 1.54
CA GLU A 47 7.70 14.15 2.97
C GLU A 47 7.93 15.66 3.15
N GLY A 48 7.05 16.31 3.91
CA GLY A 48 7.14 17.76 4.11
C GLY A 48 6.26 18.58 3.20
N ASP A 49 5.75 17.95 2.12
CA ASP A 49 4.89 18.64 1.17
C ASP A 49 3.56 19.02 1.80
N ILE A 50 3.04 20.15 1.36
CA ILE A 50 1.71 20.61 1.74
C ILE A 50 0.69 19.97 0.78
N PRO A 51 -0.31 19.24 1.32
CA PRO A 51 -1.30 18.57 0.47
C PRO A 51 -2.09 19.53 -0.45
N ASN A 52 -2.05 19.25 -1.75
CA ASN A 52 -2.83 19.97 -2.75
C ASN A 52 -3.88 19.05 -3.39
N ASN A 53 -3.63 17.75 -3.33
CA ASN A 53 -4.52 16.75 -3.90
C ASN A 53 -4.64 15.51 -3.01
N LEU A 54 -5.77 14.82 -3.12
CA LEU A 54 -5.85 13.40 -2.74
C LEU A 54 -5.53 12.57 -3.98
N PHE A 55 -4.95 11.39 -3.78
CA PHE A 55 -4.60 10.54 -4.88
C PHE A 55 -5.28 9.18 -4.77
N TYR A 56 -5.76 8.70 -5.92
CA TYR A 56 -6.40 7.41 -6.00
C TYR A 56 -5.55 6.52 -6.91
N LEU A 57 -5.17 5.35 -6.40
CA LEU A 57 -4.39 4.42 -7.19
C LEU A 57 -5.30 3.54 -8.06
N TYR A 58 -5.39 3.90 -9.34
CA TYR A 58 -6.25 3.15 -10.24
C TYR A 58 -5.60 1.81 -10.63
N GLU A 59 -4.35 1.88 -11.07
CA GLU A 59 -3.57 0.70 -11.44
C GLU A 59 -2.15 0.87 -10.96
N GLY A 60 -1.51 -0.22 -10.55
CA GLY A 60 -0.08 -0.14 -10.22
C GLY A 60 0.16 -0.31 -8.74
N LYS A 61 1.29 0.22 -8.25
CA LYS A 61 1.73 0.01 -6.87
C LYS A 61 2.56 1.21 -6.42
N ILE A 62 2.27 1.72 -5.21
CA ILE A 62 2.98 2.92 -4.68
C ILE A 62 3.53 2.58 -3.30
N LYS A 63 4.82 2.81 -3.09
CA LYS A 63 5.37 2.61 -1.74
C LYS A 63 5.34 3.93 -0.99
N ILE A 64 4.96 3.88 0.28
CA ILE A 64 4.95 5.08 1.13
C ILE A 64 6.11 4.94 2.11
N LEU A 65 7.02 5.92 2.08
CA LEU A 65 8.25 5.80 2.86
C LEU A 65 8.65 7.10 3.55
N ARG A 66 9.44 6.98 4.61
CA ARG A 66 9.89 8.16 5.33
C ARG A 66 11.29 7.99 5.89
N ARG A 72 18.34 5.17 8.00
CA ARG A 72 17.43 4.09 7.63
C ARG A 72 16.16 4.73 7.10
N PHE A 73 15.55 4.10 6.10
CA PHE A 73 14.20 4.52 5.68
C PHE A 73 13.20 3.52 6.27
N HIS A 74 11.95 3.93 6.35
CA HIS A 74 10.87 3.07 6.80
C HIS A 74 9.80 3.09 5.73
N ILE A 75 9.38 1.90 5.29
CA ILE A 75 8.25 1.80 4.37
C ILE A 75 7.03 1.53 5.23
N SER A 76 6.11 2.49 5.25
CA SER A 76 4.95 2.34 6.11
C SER A 76 3.86 1.47 5.47
N ARG A 77 3.80 1.47 4.14
CA ARG A 77 2.81 0.67 3.38
C ARG A 77 3.19 0.58 1.90
N ILE A 78 2.65 -0.45 1.22
CA ILE A 78 2.61 -0.43 -0.25
C ILE A 78 1.14 -0.37 -0.63
N VAL A 79 0.75 0.74 -1.25
CA VAL A 79 -0.63 0.96 -1.68
C VAL A 79 -1.02 0.04 -2.86
N LYS A 80 -2.22 -0.54 -2.81
CA LYS A 80 -2.76 -1.42 -3.86
C LYS A 80 -3.89 -0.72 -4.64
N PRO A 81 -4.17 -1.20 -5.86
CA PRO A 81 -5.21 -0.56 -6.65
C PRO A 81 -6.54 -0.49 -5.94
N GLY A 82 -7.27 0.59 -6.19
CA GLY A 82 -8.54 0.85 -5.50
C GLY A 82 -8.45 1.57 -4.16
N GLN A 83 -7.24 1.95 -3.73
CA GLN A 83 -7.05 2.68 -2.47
C GLN A 83 -6.68 4.15 -2.75
N PHE A 84 -7.04 5.01 -1.79
CA PHE A 84 -6.57 6.40 -1.74
C PHE A 84 -5.26 6.52 -0.96
N PHE A 85 -4.43 7.48 -1.34
CA PHE A 85 -3.23 7.83 -0.56
C PHE A 85 -3.00 9.35 -0.59
N GLY A 86 -2.16 9.85 0.30
CA GLY A 86 -2.11 11.29 0.56
C GLY A 86 -3.39 11.83 1.21
N MET A 87 -4.24 10.94 1.72
CA MET A 87 -5.50 11.35 2.37
C MET A 87 -5.28 11.73 3.84
N ARG A 88 -4.39 11.00 4.50
CA ARG A 88 -4.06 11.23 5.93
C ARG A 88 -3.71 12.71 6.25
N PRO A 89 -2.73 13.30 5.54
CA PRO A 89 -2.32 14.62 5.96
C PRO A 89 -3.39 15.67 5.67
N TYR A 90 -4.22 15.43 4.65
CA TYR A 90 -5.34 16.30 4.36
C TYR A 90 -6.31 16.35 5.55
N PHE A 91 -6.77 15.17 5.99
CA PHE A 91 -7.70 15.07 7.11
C PHE A 91 -7.10 15.52 8.45
N ALA A 92 -5.81 15.25 8.65
CA ALA A 92 -5.13 15.61 9.91
C ALA A 92 -4.77 17.09 9.96
N GLU A 93 -4.81 17.75 8.81
CA GLU A 93 -4.34 19.14 8.63
C GLU A 93 -2.86 19.23 9.02
N GLU A 94 -2.06 18.47 8.30
CA GLU A 94 -0.63 18.41 8.51
C GLU A 94 0.07 18.39 7.14
N THR A 95 1.39 18.45 7.16
CA THR A 95 2.20 18.23 5.97
C THR A 95 2.32 16.71 5.77
N CYS A 96 2.73 16.28 4.57
CA CYS A 96 2.94 14.85 4.30
C CYS A 96 4.06 14.32 5.20
N SER A 97 3.79 13.24 5.92
CA SER A 97 4.78 12.63 6.81
C SER A 97 5.74 11.74 6.04
N SER A 98 5.43 11.49 4.77
CA SER A 98 6.06 10.44 3.97
C SER A 98 6.19 10.85 2.50
N THR A 99 7.09 10.18 1.78
CA THR A 99 7.24 10.30 0.32
C THR A 99 6.53 9.11 -0.33
N ALA A 100 5.83 9.35 -1.43
CA ALA A 100 5.15 8.30 -2.17
C ALA A 100 5.86 8.09 -3.50
N ILE A 101 6.34 6.87 -3.72
CA ILE A 101 7.15 6.52 -4.91
C ILE A 101 6.52 5.31 -5.60
N ALA A 102 6.37 5.38 -6.93
CA ALA A 102 5.83 4.25 -7.69
C ALA A 102 6.79 3.05 -7.76
N VAL A 103 6.27 1.87 -7.44
CA VAL A 103 7.03 0.60 -7.44
C VAL A 103 7.01 0.03 -8.87
N GLU A 104 5.98 0.41 -9.61
CA GLU A 104 5.83 0.09 -11.04
C GLU A 104 5.09 1.25 -11.72
N ASN A 105 5.13 1.30 -13.06
CA ASN A 105 4.30 2.25 -13.80
C ASN A 105 2.87 2.14 -13.28
N SER A 106 2.30 3.27 -12.86
CA SER A 106 1.01 3.31 -12.21
C SER A 106 0.11 4.36 -12.85
N LYS A 107 -1.19 4.14 -12.76
CA LYS A 107 -2.20 5.08 -13.22
C LYS A 107 -2.82 5.69 -11.97
N VAL A 108 -2.51 6.95 -11.72
CA VAL A 108 -2.97 7.63 -10.51
C VAL A 108 -3.92 8.73 -10.90
N LEU A 109 -5.02 8.87 -10.14
CA LEU A 109 -5.95 9.98 -10.33
C LEU A 109 -5.81 10.99 -9.18
N ALA A 110 -5.64 12.27 -9.51
CA ALA A 110 -5.54 13.34 -8.51
C ALA A 110 -6.83 14.15 -8.36
N ILE A 111 -7.29 14.27 -7.11
CA ILE A 111 -8.47 15.06 -6.80
C ILE A 111 -8.06 16.23 -5.89
N PRO A 112 -8.19 17.48 -6.41
CA PRO A 112 -7.85 18.68 -5.65
C PRO A 112 -8.58 18.72 -4.29
N VAL A 113 -7.86 19.12 -3.23
CA VAL A 113 -8.43 19.13 -1.88
C VAL A 113 -9.69 20.01 -1.81
N GLU A 114 -9.72 21.08 -2.59
CA GLU A 114 -10.91 21.95 -2.69
C GLU A 114 -12.14 21.17 -3.15
N ALA A 115 -11.97 20.34 -4.18
CA ALA A 115 -13.06 19.48 -4.65
C ALA A 115 -13.43 18.43 -3.59
N ILE A 116 -12.42 17.81 -2.97
CA ILE A 116 -12.66 16.85 -1.88
C ILE A 116 -13.49 17.47 -0.78
N GLU A 117 -13.09 18.67 -0.36
CA GLU A 117 -13.79 19.36 0.73
C GLU A 117 -15.25 19.68 0.43
N ALA A 118 -15.53 20.16 -0.78
CA ALA A 118 -16.92 20.42 -1.21
C ALA A 118 -17.75 19.15 -1.15
N LEU A 119 -17.19 18.05 -1.61
CA LEU A 119 -17.89 16.78 -1.63
C LEU A 119 -18.18 16.28 -0.21
N LEU A 120 -17.17 16.33 0.66
CA LEU A 120 -17.35 15.95 2.07
C LEU A 120 -18.43 16.77 2.79
N LYS A 121 -18.45 18.08 2.54
CA LYS A 121 -19.42 18.98 3.17
C LYS A 121 -20.88 18.63 2.88
N GLY A 122 -21.15 18.07 1.70
CA GLY A 122 -22.51 17.80 1.30
C GLY A 122 -22.97 16.37 1.43
N ASN A 123 -22.07 15.47 1.81
CA ASN A 123 -22.32 14.04 1.66
C ASN A 123 -21.74 13.21 2.81
N THR A 124 -22.59 12.81 3.77
CA THR A 124 -22.11 11.99 4.90
C THR A 124 -21.63 10.59 4.49
N SER A 125 -22.22 10.01 3.45
CA SER A 125 -21.76 8.72 2.89
C SER A 125 -20.31 8.77 2.41
N PHE A 126 -19.98 9.86 1.73
CA PHE A 126 -18.62 10.15 1.26
C PHE A 126 -17.68 10.29 2.48
N CYS A 127 -18.12 11.02 3.49
CA CYS A 127 -17.35 11.13 4.74
C CYS A 127 -17.10 9.76 5.36
N ARG A 128 -18.17 8.95 5.43
CA ARG A 128 -18.09 7.67 6.13
C ARG A 128 -17.24 6.64 5.40
N TYR A 129 -17.16 6.77 4.08
CA TYR A 129 -16.23 5.98 3.28
C TYR A 129 -14.78 6.20 3.78
N PHE A 130 -14.40 7.48 3.97
CA PHE A 130 -13.04 7.78 4.39
C PHE A 130 -12.80 7.46 5.86
N LEU A 131 -13.85 7.58 6.66
CA LEU A 131 -13.80 7.18 8.07
C LEU A 131 -13.40 5.70 8.18
N LYS A 132 -14.07 4.85 7.40
CA LYS A 132 -13.74 3.44 7.39
C LYS A 132 -12.32 3.21 6.88
N ALA A 133 -11.96 3.90 5.79
CA ALA A 133 -10.62 3.72 5.19
C ALA A 133 -9.53 4.07 6.20
N LEU A 134 -9.68 5.21 6.89
CA LEU A 134 -8.71 5.61 7.90
C LEU A 134 -8.67 4.66 9.10
N ALA A 135 -9.84 4.18 9.52
CA ALA A 135 -9.91 3.28 10.66
C ALA A 135 -9.23 1.96 10.33
N LYS A 136 -9.45 1.45 9.12
CA LYS A 136 -8.75 0.25 8.63
C LYS A 136 -7.23 0.43 8.65
N GLU A 137 -6.75 1.55 8.10
CA GLU A 137 -5.33 1.87 8.04
C GLU A 137 -4.74 1.95 9.44
N LEU A 138 -5.48 2.57 10.35
CA LEU A 138 -5.00 2.65 11.75
C LEU A 138 -4.90 1.25 12.36
N GLY A 139 -5.88 0.40 12.07
CA GLY A 139 -5.85 -0.99 12.59
C GLY A 139 -4.59 -1.71 12.07
N TYR A 140 -4.33 -1.58 10.77
CA TYR A 140 -3.13 -2.19 10.17
C TYR A 140 -1.84 -1.65 10.77
N ALA A 141 -1.78 -0.34 10.94
CA ALA A 141 -0.61 0.35 11.50
C ALA A 141 -0.28 -0.13 12.92
N GLU A 142 -1.29 -0.17 13.79
CA GLU A 142 -1.06 -0.55 15.19
C GLU A 142 -0.66 -2.03 15.28
N ARG A 143 -1.27 -2.87 14.46
CA ARG A 143 -0.89 -4.30 14.36
C ARG A 143 0.58 -4.43 13.93
N ARG A 144 0.96 -3.64 12.93
CA ARG A 144 2.31 -3.72 12.37
C ARG A 144 3.37 -3.32 13.40
N THR A 145 3.04 -2.37 14.27
CA THR A 145 3.96 -1.97 15.35
C THR A 145 4.29 -3.16 16.25
N VAL A 146 3.26 -3.94 16.60
CA VAL A 146 3.44 -5.13 17.45
C VAL A 146 4.29 -6.18 16.73
N THR A 147 3.92 -6.51 15.49
CA THR A 147 4.73 -7.38 14.65
C THR A 147 6.21 -6.99 14.57
N LEU A 148 6.47 -5.74 14.20
CA LEU A 148 7.83 -5.31 13.94
C LEU A 148 8.70 -5.22 15.19
N THR A 149 8.08 -4.93 16.34
CA THR A 149 8.84 -4.76 17.58
C THR A 149 8.98 -6.04 18.40
N GLN A 150 8.12 -7.02 18.16
CA GLN A 150 8.02 -8.18 19.05
C GLN A 150 8.32 -9.52 18.39
N LYS A 151 8.03 -9.64 17.10
CA LYS A 151 8.26 -10.92 16.44
C LYS A 151 9.73 -11.08 16.10
N HIS A 152 10.19 -12.32 16.05
CA HIS A 152 11.56 -12.58 15.67
C HIS A 152 11.69 -12.56 14.15
N VAL A 153 12.92 -12.66 13.66
CA VAL A 153 13.23 -12.47 12.22
C VAL A 153 12.36 -13.34 11.31
N ARG A 154 12.20 -14.61 11.67
CA ARG A 154 11.38 -15.53 10.89
C ARG A 154 9.91 -15.13 10.84
N GLY A 155 9.37 -14.72 11.98
CA GLY A 155 7.96 -14.31 12.05
C GLY A 155 7.69 -13.04 11.26
N ARG A 156 8.57 -12.05 11.45
CA ARG A 156 8.46 -10.77 10.74
C ARG A 156 8.47 -10.93 9.22
N LEU A 157 9.42 -11.70 8.70
CA LEU A 157 9.51 -11.87 7.25
C LEU A 157 8.33 -12.67 6.69
N ALA A 158 7.97 -13.76 7.37
CA ALA A 158 6.80 -14.54 6.96
C ALA A 158 5.55 -13.67 6.97
N GLU A 159 5.41 -12.83 7.99
CA GLU A 159 4.24 -11.94 8.06
C GLU A 159 4.22 -11.00 6.85
N THR A 160 5.35 -10.35 6.59
CA THR A 160 5.51 -9.47 5.41
C THR A 160 5.08 -10.18 4.12
N LEU A 161 5.62 -11.37 3.88
CA LEU A 161 5.30 -12.13 2.67
C LEU A 161 3.79 -12.46 2.58
N LEU A 162 3.17 -12.83 3.70
CA LEU A 162 1.73 -13.13 3.69
C LEU A 162 0.88 -11.87 3.45
N ILE A 163 1.36 -10.72 3.94
CA ILE A 163 0.70 -9.43 3.66
C ILE A 163 0.74 -9.06 2.16
N LEU A 164 1.88 -9.33 1.53
CA LEU A 164 2.03 -9.09 0.08
C LEU A 164 1.13 -10.04 -0.68
N LYS A 165 1.08 -11.31 -0.24
CA LYS A 165 0.17 -12.31 -0.81
C LYS A 165 -1.27 -11.78 -0.75
N GLU A 166 -1.67 -11.31 0.42
CA GLU A 166 -3.03 -10.82 0.60
C GLU A 166 -3.33 -9.60 -0.29
N ASN A 167 -2.41 -8.63 -0.35
CA ASN A 167 -2.66 -7.37 -1.02
C ASN A 167 -2.46 -7.40 -2.53
N PHE A 168 -1.55 -8.27 -3.00
CA PHE A 168 -1.18 -8.32 -4.42
C PHE A 168 -1.40 -9.66 -5.12
N GLY A 169 -1.56 -10.73 -4.34
CA GLY A 169 -1.99 -12.01 -4.88
C GLY A 169 -0.90 -12.77 -5.63
N PHE A 170 -1.33 -13.71 -6.45
CA PHE A 170 -0.40 -14.61 -7.15
C PHE A 170 -0.46 -14.40 -8.67
N GLU A 171 0.62 -14.81 -9.33
CA GLU A 171 0.66 -14.92 -10.79
C GLU A 171 -0.18 -16.12 -11.23
N ASN A 172 -0.19 -16.39 -12.54
CA ASN A 172 -1.00 -17.50 -13.09
C ASN A 172 -0.70 -18.86 -12.45
N ASP A 173 0.54 -19.06 -11.99
CA ASP A 173 0.91 -20.32 -11.34
C ASP A 173 0.28 -20.49 -9.96
N GLY A 174 -0.32 -19.43 -9.44
CA GLY A 174 -1.02 -19.53 -8.17
C GLY A 174 -0.11 -19.69 -6.96
N ALA A 175 1.17 -19.34 -7.12
CA ALA A 175 2.16 -19.51 -6.05
C ALA A 175 3.21 -18.40 -6.02
N THR A 176 3.48 -17.80 -7.17
CA THR A 176 4.49 -16.74 -7.27
C THR A 176 3.81 -15.41 -6.96
N LEU A 177 4.34 -14.68 -5.98
CA LEU A 177 3.82 -13.36 -5.61
C LEU A 177 3.87 -12.40 -6.80
N SER A 178 2.77 -11.66 -7.01
CA SER A 178 2.64 -10.69 -8.11
C SER A 178 3.28 -9.33 -7.81
N ILE A 179 4.17 -9.28 -6.84
CA ILE A 179 4.91 -8.05 -6.58
C ILE A 179 6.38 -8.44 -6.50
N TYR A 180 7.25 -7.56 -6.98
CA TYR A 180 8.66 -7.90 -7.18
C TYR A 180 9.56 -6.86 -6.50
N LEU A 181 9.52 -6.85 -5.18
CA LEU A 181 10.33 -5.92 -4.39
C LEU A 181 11.80 -6.34 -4.37
N SER A 182 12.67 -5.34 -4.23
CA SER A 182 14.09 -5.59 -4.02
C SER A 182 14.26 -6.19 -2.64
N ARG A 183 15.43 -6.78 -2.39
CA ARG A 183 15.76 -7.31 -1.07
C ARG A 183 15.73 -6.21 -0.01
N GLU A 184 16.13 -5.01 -0.43
CA GLU A 184 16.17 -3.83 0.43
C GLU A 184 14.76 -3.40 0.86
N GLU A 185 13.83 -3.39 -0.08
CA GLU A 185 12.44 -3.11 0.21
C GLU A 185 11.82 -4.15 1.13
N LEU A 186 12.11 -5.43 0.86
CA LEU A 186 11.59 -6.51 1.68
C LEU A 186 12.15 -6.45 3.09
N ALA A 187 13.45 -6.16 3.20
CA ALA A 187 14.11 -6.01 4.51
C ALA A 187 13.52 -4.84 5.30
N THR A 188 13.42 -3.67 4.65
CA THR A 188 12.91 -2.46 5.32
C THR A 188 11.46 -2.68 5.81
N LEU A 189 10.64 -3.22 4.92
CA LEU A 189 9.24 -3.52 5.22
C LEU A 189 9.11 -4.40 6.47
N SER A 190 10.07 -5.29 6.67
CA SER A 190 10.01 -6.28 7.72
C SER A 190 10.93 -6.00 8.92
N ASN A 191 11.46 -4.78 8.99
CA ASN A 191 12.30 -4.31 10.10
C ASN A 191 13.52 -5.21 10.31
N MET A 192 14.28 -5.48 9.25
CA MET A 192 15.52 -6.22 9.38
C MET A 192 16.58 -5.71 8.41
N THR A 193 17.82 -6.16 8.62
CA THR A 193 18.91 -5.87 7.70
C THR A 193 18.70 -6.74 6.46
N VAL A 194 19.19 -6.26 5.32
CA VAL A 194 19.20 -7.05 4.10
C VAL A 194 19.90 -8.40 4.35
N SER A 195 21.01 -8.39 5.10
CA SER A 195 21.70 -9.64 5.46
C SER A 195 20.75 -10.61 6.14
N ASN A 196 20.01 -10.12 7.13
CA ASN A 196 19.05 -10.97 7.81
C ASN A 196 17.93 -11.45 6.91
N ALA A 197 17.49 -10.59 5.99
CA ALA A 197 16.42 -10.94 5.06
C ALA A 197 16.87 -12.07 4.13
N ILE A 198 18.05 -11.88 3.53
CA ILE A 198 18.56 -12.88 2.59
C ILE A 198 18.92 -14.17 3.31
N ARG A 199 19.44 -14.05 4.52
CA ARG A 199 19.69 -15.18 5.41
C ARG A 199 18.39 -15.94 5.69
N THR A 200 17.32 -15.22 6.04
CA THR A 200 16.03 -15.84 6.36
C THR A 200 15.34 -16.44 5.14
N LEU A 201 15.37 -15.74 4.00
CA LEU A 201 14.85 -16.30 2.74
C LEU A 201 15.57 -17.61 2.38
N SER A 202 16.90 -17.60 2.47
CA SER A 202 17.72 -18.80 2.25
C SER A 202 17.20 -19.98 3.08
N THR A 203 16.99 -19.76 4.38
CA THR A 203 16.42 -20.78 5.28
C THR A 203 15.00 -21.21 4.88
N PHE A 204 14.18 -20.25 4.47
CA PHE A 204 12.82 -20.60 4.03
C PHE A 204 12.83 -21.51 2.79
N VAL A 205 13.78 -21.28 1.88
CA VAL A 205 14.01 -22.19 0.73
C VAL A 205 14.51 -23.57 1.18
N SER A 206 15.52 -23.59 2.05
CA SER A 206 16.04 -24.84 2.64
C SER A 206 14.90 -25.66 3.26
N GLU A 207 13.97 -24.98 3.92
CA GLU A 207 12.82 -25.64 4.54
C GLU A 207 11.68 -25.94 3.57
N ARG A 208 11.87 -25.60 2.30
CA ARG A 208 10.85 -25.82 1.27
C ARG A 208 9.51 -25.13 1.59
N MET A 209 9.59 -23.91 2.12
CA MET A 209 8.41 -23.04 2.24
C MET A 209 8.33 -22.09 1.05
N LEU A 210 9.50 -21.71 0.53
CA LEU A 210 9.61 -20.83 -0.62
C LEU A 210 10.47 -21.42 -1.72
N ALA A 211 10.45 -20.77 -2.89
CA ALA A 211 11.41 -20.97 -3.96
C ALA A 211 11.68 -19.59 -4.51
N LEU A 212 12.95 -19.31 -4.83
CA LEU A 212 13.38 -17.98 -5.27
C LEU A 212 13.96 -17.97 -6.69
N ASP A 213 13.68 -16.90 -7.44
CA ASP A 213 14.16 -16.77 -8.80
C ASP A 213 14.25 -15.28 -9.12
N GLY A 214 15.39 -14.69 -8.78
CA GLY A 214 15.58 -13.24 -8.87
C GLY A 214 14.74 -12.53 -7.83
N LYS A 215 13.91 -11.59 -8.29
CA LYS A 215 12.96 -10.89 -7.43
C LYS A 215 11.67 -11.68 -7.27
N ARG A 216 11.56 -12.83 -7.94
CA ARG A 216 10.37 -13.67 -7.87
C ARG A 216 10.41 -14.56 -6.64
N ILE A 217 9.37 -14.44 -5.80
CA ILE A 217 9.23 -15.27 -4.61
C ILE A 217 7.99 -16.15 -4.76
N LYS A 218 8.22 -17.45 -4.75
CA LYS A 218 7.15 -18.44 -4.90
C LYS A 218 6.86 -19.06 -3.56
N ILE A 219 5.60 -18.98 -3.13
CA ILE A 219 5.18 -19.63 -1.89
C ILE A 219 4.74 -21.06 -2.21
N ILE A 220 5.49 -22.03 -1.71
CA ILE A 220 5.21 -23.44 -2.00
C ILE A 220 4.55 -24.16 -0.82
N ASP A 221 4.65 -23.58 0.36
CA ASP A 221 3.94 -24.10 1.52
C ASP A 221 3.33 -22.96 2.33
N CYS A 222 2.17 -22.50 1.88
CA CYS A 222 1.50 -21.38 2.52
C CYS A 222 1.06 -21.68 3.95
N ASP A 223 0.48 -22.85 4.17
CA ASP A 223 0.02 -23.27 5.51
C ASP A 223 1.14 -23.17 6.54
N ARG A 224 2.32 -23.67 6.18
CA ARG A 224 3.47 -23.63 7.08
C ARG A 224 4.03 -22.23 7.21
N LEU A 225 4.06 -21.48 6.10
CA LEU A 225 4.49 -20.08 6.15
C LEU A 225 3.63 -19.31 7.16
N GLN A 226 2.32 -19.54 7.13
CA GLN A 226 1.38 -18.92 8.08
C GLN A 226 1.68 -19.32 9.53
N LYS A 227 2.00 -20.60 9.74
CA LYS A 227 2.41 -21.06 11.06
C LYS A 227 3.69 -20.34 11.52
N THR A 228 4.63 -20.14 10.60
CA THR A 228 5.86 -19.41 10.88
C THR A 228 5.61 -17.95 11.22
N ALA A 229 4.70 -17.30 10.48
CA ALA A 229 4.30 -15.93 10.77
C ALA A 229 3.73 -15.82 12.18
N ARG A 230 2.92 -16.80 12.57
CA ARG A 230 2.23 -16.76 13.86
C ARG A 230 3.08 -17.27 15.01
N SER A 231 3.74 -18.40 14.81
CA SER A 231 4.45 -19.12 15.88
C SER A 231 5.92 -18.77 15.98
N GLY A 232 6.54 -18.44 14.84
CA GLY A 232 7.96 -18.08 14.81
C GLY A 232 8.74 -18.76 13.70
#